data_1JVL
#
_entry.id   1JVL
#
_cell.length_a   48.605
_cell.length_b   48.605
_cell.length_c   284.809
_cell.angle_alpha   90.00
_cell.angle_beta   90.00
_cell.angle_gamma   120.00
#
_symmetry.space_group_name_H-M   'P 61'
#
loop_
_entity.id
_entity.type
_entity.pdbx_description
1 polymer Azurin
2 non-polymer 'COPPER (II) ION'
3 non-polymer 'NICKEL (II) ION'
4 non-polymer TRIS-HYDROXYMETHYL-METHYL-AMMONIUM
5 non-polymer 1-[PYRROL-1-YL-2,5-DIONE-METHOXYMETHYL]-PYRROLE-2,5-DIONE
6 water water
#
_entity_poly.entity_id   1
_entity_poly.type   'polypeptide(L)'
_entity_poly.pdbx_seq_one_letter_code
;AECSVDIQGNDQMQFNTNAITVDKSCKQFTVNLSHPGNLPKCVMGHNWVLSTAADMQGVVTDGMASGLDKDYLKPDDSRV
IAHTKLIGSGEKDSVTFDVSKLKEGEQYMFFCTFPGHSALMKGTLTLK
;
_entity_poly.pdbx_strand_id   A,B
#
loop_
_chem_comp.id
_chem_comp.type
_chem_comp.name
_chem_comp.formula
144 non-polymer TRIS-HYDROXYMETHYL-METHYL-AMMONIUM 'C4 H12 N O3 1'
CU non-polymer 'COPPER (II) ION' 'Cu 2'
NI non-polymer 'NICKEL (II) ION' 'Ni 2'
OPP non-polymer 1-[PYRROL-1-YL-2,5-DIONE-METHOXYMETHYL]-PYRROLE-2,5-DIONE 'C10 H8 N2 O5'
#
# COMPACT_ATOMS: atom_id res chain seq x y z
N ALA A 1 -8.06 -9.66 -33.42
CA ALA A 1 -8.25 -9.55 -31.93
C ALA A 1 -8.04 -8.11 -31.48
N GLU A 2 -8.61 -7.77 -30.33
CA GLU A 2 -8.46 -6.43 -29.78
C GLU A 2 -7.02 -6.24 -29.32
N CYS A 3 -6.54 -5.00 -29.35
CA CYS A 3 -5.17 -4.72 -28.94
C CYS A 3 -5.07 -3.58 -27.93
N SER A 4 -6.02 -3.54 -27.01
CA SER A 4 -6.00 -2.51 -25.98
C SER A 4 -6.70 -3.08 -24.76
N VAL A 5 -6.50 -2.42 -23.63
CA VAL A 5 -7.12 -2.88 -22.40
C VAL A 5 -7.30 -1.64 -21.52
N ASP A 6 -8.42 -1.58 -20.81
CA ASP A 6 -8.65 -0.45 -19.93
C ASP A 6 -8.37 -0.94 -18.51
N ILE A 7 -7.56 -0.19 -17.78
CA ILE A 7 -7.19 -0.56 -16.42
C ILE A 7 -7.43 0.60 -15.49
N GLN A 8 -7.88 0.27 -14.28
CA GLN A 8 -8.16 1.28 -13.26
C GLN A 8 -7.34 1.03 -12.01
N GLY A 9 -6.91 2.11 -11.38
CA GLY A 9 -6.17 2.04 -10.14
C GLY A 9 -7.00 2.88 -9.20
N ASN A 10 -7.41 2.33 -8.06
CA ASN A 10 -8.26 3.06 -7.13
C ASN A 10 -7.61 3.47 -5.80
N ASP A 11 -8.45 3.98 -4.90
CA ASP A 11 -8.00 4.41 -3.58
C ASP A 11 -7.68 3.23 -2.67
N GLN A 12 -8.20 2.06 -3.00
CA GLN A 12 -7.93 0.86 -2.21
C GLN A 12 -6.59 0.26 -2.63
N MET A 13 -5.81 1.05 -3.37
CA MET A 13 -4.50 0.63 -3.82
C MET A 13 -4.54 -0.69 -4.62
N GLN A 14 -5.39 -0.76 -5.63
CA GLN A 14 -5.48 -1.98 -6.42
C GLN A 14 -5.85 -1.77 -7.89
N PHE A 15 -5.39 -2.69 -8.74
CA PHE A 15 -5.69 -2.67 -10.18
C PHE A 15 -6.94 -3.51 -10.34
N ASN A 16 -7.75 -3.24 -11.35
CA ASN A 16 -8.96 -4.03 -11.53
C ASN A 16 -8.73 -5.27 -12.39
N THR A 17 -7.46 -5.70 -12.46
CA THR A 17 -7.07 -6.90 -13.19
C THR A 17 -5.64 -7.26 -12.81
N ASN A 18 -5.34 -8.55 -12.81
CA ASN A 18 -4.01 -9.02 -12.44
C ASN A 18 -3.34 -9.80 -13.56
N ALA A 19 -3.96 -9.81 -14.73
CA ALA A 19 -3.39 -10.54 -15.85
C ALA A 19 -3.80 -9.91 -17.17
N ILE A 20 -2.82 -9.74 -18.06
CA ILE A 20 -3.08 -9.17 -19.36
C ILE A 20 -2.51 -10.10 -20.40
N THR A 21 -3.30 -10.36 -21.44
CA THR A 21 -2.86 -11.23 -22.52
C THR A 21 -2.81 -10.42 -23.79
N VAL A 22 -1.64 -10.40 -24.41
CA VAL A 22 -1.45 -9.67 -25.66
C VAL A 22 -1.45 -10.69 -26.80
N ASP A 23 -2.40 -10.55 -27.71
CA ASP A 23 -2.50 -11.46 -28.84
C ASP A 23 -1.35 -11.17 -29.80
N LYS A 24 -0.62 -12.22 -30.18
CA LYS A 24 0.53 -12.09 -31.07
C LYS A 24 0.24 -11.47 -32.44
N SER A 25 -1.03 -11.37 -32.80
CA SER A 25 -1.37 -10.79 -34.09
C SER A 25 -1.38 -9.27 -33.98
N CYS A 26 -1.33 -8.77 -32.75
CA CYS A 26 -1.31 -7.31 -32.54
C CYS A 26 0.07 -6.77 -32.92
N LYS A 27 0.10 -5.61 -33.56
CA LYS A 27 1.36 -4.99 -33.95
C LYS A 27 1.75 -3.97 -32.89
N GLN A 28 0.74 -3.34 -32.30
CA GLN A 28 0.93 -2.36 -31.22
C GLN A 28 -0.11 -2.72 -30.15
N PHE A 29 0.15 -2.35 -28.90
CA PHE A 29 -0.79 -2.65 -27.84
C PHE A 29 -0.96 -1.40 -26.99
N THR A 30 -2.20 -1.07 -26.67
CA THR A 30 -2.51 0.11 -25.90
C THR A 30 -3.12 -0.18 -24.53
N VAL A 31 -2.62 0.51 -23.51
CA VAL A 31 -3.14 0.37 -22.15
C VAL A 31 -3.71 1.73 -21.70
N ASN A 32 -4.99 1.76 -21.39
CA ASN A 32 -5.62 3.00 -20.93
C ASN A 32 -5.74 2.93 -19.42
N LEU A 33 -5.07 3.83 -18.73
CA LEU A 33 -5.13 3.84 -17.28
C LEU A 33 -5.94 5.02 -16.76
N SER A 34 -6.82 4.75 -15.81
CA SER A 34 -7.63 5.81 -15.20
C SER A 34 -7.61 5.63 -13.69
N HIS A 35 -7.86 6.71 -12.97
CA HIS A 35 -7.86 6.70 -11.51
C HIS A 35 -9.22 7.20 -11.03
N PRO A 36 -10.16 6.27 -10.75
CA PRO A 36 -11.51 6.63 -10.29
C PRO A 36 -11.62 6.96 -8.79
N GLY A 37 -10.48 7.22 -8.14
CA GLY A 37 -10.50 7.52 -6.73
C GLY A 37 -10.65 9.00 -6.42
N ASN A 38 -10.46 9.37 -5.16
CA ASN A 38 -10.58 10.75 -4.74
C ASN A 38 -9.29 11.30 -4.15
N LEU A 39 -8.31 10.43 -3.93
CA LEU A 39 -7.04 10.87 -3.36
C LEU A 39 -6.07 11.42 -4.42
N PRO A 40 -5.27 12.42 -4.05
CA PRO A 40 -4.31 13.05 -4.96
C PRO A 40 -3.10 12.17 -5.28
N LYS A 41 -2.39 12.53 -6.34
CA LYS A 41 -1.22 11.82 -6.81
C LYS A 41 -0.12 11.63 -5.78
N CYS A 42 0.10 12.66 -4.95
CA CYS A 42 1.14 12.62 -3.93
C CYS A 42 0.90 11.59 -2.84
N VAL A 43 -0.35 11.19 -2.68
CA VAL A 43 -0.71 10.22 -1.64
C VAL A 43 -1.15 8.86 -2.20
N MET A 44 -1.87 8.86 -3.31
CA MET A 44 -2.37 7.63 -3.90
C MET A 44 -2.19 7.60 -5.42
N GLY A 45 -1.01 8.03 -5.88
CA GLY A 45 -0.76 8.04 -7.31
C GLY A 45 -0.48 6.66 -7.88
N HIS A 46 -0.89 6.42 -9.13
CA HIS A 46 -0.66 5.13 -9.76
C HIS A 46 -0.13 5.28 -11.18
N ASN A 47 0.75 4.37 -11.57
CA ASN A 47 1.24 4.33 -12.93
C ASN A 47 1.19 2.86 -13.30
N TRP A 48 1.31 2.59 -14.59
CA TRP A 48 1.32 1.22 -15.08
C TRP A 48 2.69 1.13 -15.72
N VAL A 49 3.52 0.23 -15.21
CA VAL A 49 4.88 0.07 -15.70
C VAL A 49 5.13 -1.39 -16.07
N LEU A 50 5.76 -1.59 -17.22
CA LEU A 50 6.03 -2.92 -17.73
C LEU A 50 7.52 -3.24 -17.81
N SER A 51 7.91 -4.41 -17.29
CA SER A 51 9.30 -4.86 -17.34
C SER A 51 9.27 -6.38 -17.30
N THR A 52 10.42 -7.01 -17.41
CA THR A 52 10.48 -8.47 -17.31
C THR A 52 10.32 -8.75 -15.82
N ALA A 53 9.92 -9.98 -15.48
CA ALA A 53 9.74 -10.35 -14.09
C ALA A 53 11.05 -10.16 -13.31
N ALA A 54 12.16 -10.50 -13.94
CA ALA A 54 13.47 -10.38 -13.30
C ALA A 54 13.86 -8.94 -13.00
N ASP A 55 13.43 -8.01 -13.84
CA ASP A 55 13.77 -6.60 -13.65
C ASP A 55 12.84 -5.85 -12.71
N MET A 56 11.65 -6.37 -12.48
CA MET A 56 10.68 -5.69 -11.63
C MET A 56 11.20 -5.10 -10.31
N GLN A 57 11.76 -5.96 -9.46
CA GLN A 57 12.27 -5.48 -8.18
C GLN A 57 13.22 -4.31 -8.32
N GLY A 58 14.15 -4.40 -9.27
CA GLY A 58 15.10 -3.32 -9.48
C GLY A 58 14.42 -2.03 -9.89
N VAL A 59 13.44 -2.13 -10.77
CA VAL A 59 12.72 -0.95 -11.23
C VAL A 59 11.94 -0.32 -10.08
N VAL A 60 11.30 -1.15 -9.27
CA VAL A 60 10.51 -0.66 -8.14
C VAL A 60 11.40 0.01 -7.09
N THR A 61 12.55 -0.58 -6.82
CA THR A 61 13.48 -0.04 -5.83
C THR A 61 14.08 1.30 -6.23
N ASP A 62 14.60 1.38 -7.45
CA ASP A 62 15.18 2.64 -7.92
C ASP A 62 14.09 3.68 -8.15
N GLY A 63 12.90 3.22 -8.49
CA GLY A 63 11.80 4.15 -8.73
C GLY A 63 11.40 4.84 -7.44
N MET A 64 11.24 4.05 -6.38
CA MET A 64 10.87 4.56 -5.08
C MET A 64 11.82 5.68 -4.65
N ALA A 65 13.12 5.43 -4.83
CA ALA A 65 14.15 6.39 -4.47
C ALA A 65 14.20 7.64 -5.35
N SER A 66 13.62 7.56 -6.54
CA SER A 66 13.64 8.68 -7.46
C SER A 66 12.70 9.84 -7.11
N GLY A 67 11.65 9.56 -6.34
CA GLY A 67 10.75 10.62 -5.94
C GLY A 67 9.57 10.95 -6.85
N LEU A 68 8.62 11.69 -6.28
CA LEU A 68 7.41 12.09 -6.98
C LEU A 68 7.62 12.92 -8.25
N ASP A 69 8.62 13.79 -8.23
CA ASP A 69 8.90 14.65 -9.38
C ASP A 69 9.37 13.86 -10.61
N LYS A 70 9.78 12.61 -10.39
CA LYS A 70 10.24 11.75 -11.48
C LYS A 70 9.22 10.65 -11.76
N ASP A 71 8.02 10.82 -11.21
CA ASP A 71 6.96 9.82 -11.39
C ASP A 71 7.38 8.47 -10.81
N TYR A 72 8.29 8.51 -9.84
CA TYR A 72 8.80 7.32 -9.18
C TYR A 72 9.41 6.31 -10.13
N LEU A 73 10.23 6.82 -11.05
CA LEU A 73 10.95 5.99 -12.00
C LEU A 73 12.33 6.59 -12.16
N LYS A 74 13.36 5.77 -12.05
CA LYS A 74 14.72 6.27 -12.22
C LYS A 74 14.81 6.77 -13.66
N PRO A 75 15.38 7.96 -13.88
CA PRO A 75 15.49 8.45 -15.25
C PRO A 75 16.34 7.54 -16.13
N ASP A 76 15.98 7.47 -17.41
CA ASP A 76 16.71 6.63 -18.36
C ASP A 76 16.84 5.17 -17.93
N ASP A 77 15.78 4.60 -17.38
CA ASP A 77 15.81 3.21 -16.94
C ASP A 77 15.49 2.33 -18.16
N SER A 78 16.50 1.65 -18.68
CA SER A 78 16.33 0.82 -19.87
C SER A 78 15.56 -0.47 -19.59
N ARG A 79 15.30 -0.74 -18.31
CA ARG A 79 14.56 -1.94 -17.93
C ARG A 79 13.05 -1.77 -18.14
N VAL A 80 12.59 -0.53 -18.22
CA VAL A 80 11.18 -0.24 -18.42
C VAL A 80 10.83 -0.36 -19.90
N ILE A 81 10.01 -1.36 -20.23
CA ILE A 81 9.61 -1.59 -21.63
C ILE A 81 8.59 -0.55 -22.07
N ALA A 82 7.65 -0.25 -21.18
CA ALA A 82 6.61 0.73 -21.46
C ALA A 82 6.04 1.23 -20.13
N HIS A 83 5.42 2.40 -20.14
CA HIS A 83 4.85 2.95 -18.92
C HIS A 83 3.99 4.17 -19.18
N THR A 84 3.04 4.41 -18.29
CA THR A 84 2.18 5.58 -18.37
C THR A 84 2.82 6.58 -17.42
N LYS A 85 2.19 7.74 -17.26
CA LYS A 85 2.68 8.74 -16.32
C LYS A 85 2.04 8.34 -15.00
N LEU A 86 2.48 8.97 -13.92
CA LEU A 86 1.91 8.72 -12.61
C LEU A 86 0.68 9.62 -12.55
N ILE A 87 -0.48 9.06 -12.28
CA ILE A 87 -1.69 9.86 -12.23
C ILE A 87 -2.41 9.82 -10.88
N GLY A 88 -3.19 10.87 -10.63
CA GLY A 88 -3.93 10.96 -9.38
C GLY A 88 -5.41 10.92 -9.66
N SER A 89 -6.21 11.16 -8.62
CA SER A 89 -7.67 11.15 -8.73
C SER A 89 -8.20 11.91 -9.95
N GLY A 90 -9.16 11.29 -10.64
CA GLY A 90 -9.77 11.92 -11.79
C GLY A 90 -8.95 12.02 -13.07
N GLU A 91 -7.71 11.55 -13.04
CA GLU A 91 -6.86 11.63 -14.22
C GLU A 91 -6.82 10.32 -15.01
N LYS A 92 -6.31 10.40 -16.23
CA LYS A 92 -6.20 9.23 -17.09
C LYS A 92 -4.99 9.40 -17.99
N ASP A 93 -4.44 8.29 -18.45
CA ASP A 93 -3.30 8.32 -19.34
C ASP A 93 -3.26 7.01 -20.12
N SER A 94 -2.71 7.08 -21.33
CA SER A 94 -2.61 5.90 -22.17
C SER A 94 -1.20 5.72 -22.68
N VAL A 95 -0.80 4.48 -22.87
CA VAL A 95 0.51 4.17 -23.42
C VAL A 95 0.32 3.11 -24.49
N THR A 96 0.96 3.33 -25.64
CA THR A 96 0.89 2.39 -26.75
C THR A 96 2.33 1.98 -27.02
N PHE A 97 2.59 0.67 -27.09
CA PHE A 97 3.94 0.21 -27.36
C PHE A 97 3.93 -0.87 -28.44
N ASP A 98 5.08 -1.06 -29.08
CA ASP A 98 5.22 -2.06 -30.14
C ASP A 98 5.33 -3.44 -29.54
N VAL A 99 4.46 -4.34 -30.00
CA VAL A 99 4.45 -5.71 -29.52
C VAL A 99 5.75 -6.44 -29.86
N SER A 100 6.45 -5.97 -30.89
CA SER A 100 7.71 -6.62 -31.28
C SER A 100 8.74 -6.52 -30.15
N LYS A 101 8.50 -5.64 -29.19
CA LYS A 101 9.43 -5.50 -28.06
C LYS A 101 9.27 -6.67 -27.10
N LEU A 102 8.20 -7.45 -27.28
CA LEU A 102 7.93 -8.59 -26.43
C LEU A 102 8.33 -9.88 -27.14
N LYS A 103 8.79 -10.86 -26.36
CA LYS A 103 9.18 -12.15 -26.92
C LYS A 103 8.38 -13.25 -26.26
N GLU A 104 8.01 -14.26 -27.04
CA GLU A 104 7.23 -15.38 -26.50
C GLU A 104 8.05 -16.17 -25.50
N GLY A 105 7.39 -16.72 -24.49
CA GLY A 105 8.10 -17.50 -23.49
C GLY A 105 8.65 -16.68 -22.35
N GLU A 106 8.97 -15.41 -22.61
CA GLU A 106 9.50 -14.54 -21.57
C GLU A 106 8.39 -14.15 -20.60
N GLN A 107 8.76 -13.95 -19.32
CA GLN A 107 7.79 -13.57 -18.30
C GLN A 107 7.81 -12.07 -18.05
N TYR A 108 6.65 -11.44 -18.22
CA TYR A 108 6.54 -9.99 -18.02
C TYR A 108 5.62 -9.65 -16.86
N MET A 109 5.92 -8.54 -16.19
CA MET A 109 5.11 -8.08 -15.07
C MET A 109 4.80 -6.61 -15.26
N PHE A 110 3.60 -6.19 -14.88
CA PHE A 110 3.23 -4.80 -14.92
C PHE A 110 2.97 -4.48 -13.46
N PHE A 111 3.26 -3.24 -13.06
CA PHE A 111 3.10 -2.85 -11.67
C PHE A 111 3.11 -1.35 -11.52
N CYS A 112 2.79 -0.89 -10.32
CA CYS A 112 2.79 0.52 -9.99
C CYS A 112 4.05 0.75 -9.16
N THR A 113 4.79 1.83 -9.43
CA THR A 113 6.01 2.10 -8.68
C THR A 113 5.87 3.11 -7.53
N PHE A 114 4.66 3.58 -7.25
CA PHE A 114 4.48 4.50 -6.13
C PHE A 114 4.85 3.67 -4.89
N PRO A 115 5.66 4.25 -3.98
CA PRO A 115 6.09 3.55 -2.76
C PRO A 115 5.08 2.59 -2.13
N GLY A 116 5.47 1.31 -2.07
CA GLY A 116 4.66 0.29 -1.46
C GLY A 116 3.53 -0.34 -2.26
N HIS A 117 3.07 0.34 -3.32
CA HIS A 117 1.94 -0.18 -4.09
C HIS A 117 2.18 -1.49 -4.83
N SER A 118 3.40 -1.72 -5.31
CA SER A 118 3.70 -2.95 -6.04
C SER A 118 3.42 -4.21 -5.24
N ALA A 119 3.30 -4.06 -3.92
CA ALA A 119 2.99 -5.20 -3.06
C ALA A 119 1.66 -5.80 -3.49
N LEU A 120 0.72 -4.95 -3.89
CA LEU A 120 -0.60 -5.42 -4.32
C LEU A 120 -0.90 -5.09 -5.78
N MET A 121 -0.37 -3.98 -6.25
CA MET A 121 -0.61 -3.55 -7.62
C MET A 121 0.42 -4.10 -8.59
N LYS A 122 0.20 -5.34 -9.00
CA LYS A 122 1.09 -6.02 -9.93
C LYS A 122 0.31 -7.09 -10.64
N GLY A 123 0.83 -7.56 -11.77
CA GLY A 123 0.16 -8.59 -12.53
C GLY A 123 1.08 -9.10 -13.61
N THR A 124 0.64 -10.13 -14.32
CA THR A 124 1.45 -10.69 -15.38
C THR A 124 0.93 -10.25 -16.74
N LEU A 125 1.83 -10.19 -17.72
CA LEU A 125 1.44 -9.85 -19.06
C LEU A 125 2.08 -10.91 -19.92
N THR A 126 1.28 -11.56 -20.76
CA THR A 126 1.81 -12.61 -21.60
C THR A 126 1.46 -12.42 -23.05
N LEU A 127 2.40 -12.78 -23.91
CA LEU A 127 2.24 -12.68 -25.35
C LEU A 127 1.84 -14.07 -25.87
N LYS A 128 0.56 -14.27 -26.19
CA LYS A 128 0.12 -15.57 -26.67
C LYS A 128 -0.37 -15.52 -28.12
N ALA B 1 3.78 -12.49 33.23
CA ALA B 1 4.00 -12.43 31.76
C ALA B 1 4.35 -11.01 31.33
N GLU B 2 5.01 -10.89 30.18
CA GLU B 2 5.38 -9.58 29.65
C GLU B 2 4.11 -8.87 29.20
N CYS B 3 4.12 -7.54 29.25
CA CYS B 3 2.95 -6.75 28.84
C CYS B 3 3.29 -5.64 27.86
N SER B 4 4.19 -5.93 26.93
CA SER B 4 4.56 -4.97 25.92
C SER B 4 5.00 -5.73 24.69
N VAL B 5 5.06 -5.04 23.57
CA VAL B 5 5.48 -5.66 22.33
C VAL B 5 6.11 -4.58 21.49
N ASP B 6 7.17 -4.92 20.77
CA ASP B 6 7.81 -3.95 19.89
C ASP B 6 7.36 -4.28 18.48
N ILE B 7 6.89 -3.27 17.76
CA ILE B 7 6.41 -3.46 16.39
C ILE B 7 7.07 -2.45 15.48
N GLN B 8 7.38 -2.90 14.27
CA GLN B 8 8.01 -2.06 13.26
C GLN B 8 7.16 -1.97 12.00
N GLY B 9 7.17 -0.79 11.40
CA GLY B 9 6.46 -0.56 10.16
C GLY B 9 7.55 -0.07 9.23
N ASN B 10 7.73 -0.73 8.08
CA ASN B 10 8.79 -0.34 7.16
C ASN B 10 8.34 0.29 5.84
N ASP B 11 9.30 0.48 4.94
CA ASP B 11 9.06 1.07 3.63
C ASP B 11 8.33 0.10 2.70
N GLN B 12 8.37 -1.19 3.00
CA GLN B 12 7.68 -2.18 2.19
C GLN B 12 6.21 -2.25 2.61
N MET B 13 5.78 -1.25 3.37
CA MET B 13 4.40 -1.15 3.82
C MET B 13 3.95 -2.40 4.59
N GLN B 14 4.72 -2.81 5.60
CA GLN B 14 4.34 -3.98 6.38
C GLN B 14 4.75 -3.95 7.85
N PHE B 15 3.97 -4.65 8.69
CA PHE B 15 4.27 -4.75 10.11
C PHE B 15 5.10 -6.01 10.26
N ASN B 16 5.96 -6.07 11.27
CA ASN B 16 6.79 -7.25 11.45
C ASN B 16 6.10 -8.33 12.28
N THR B 17 4.78 -8.26 12.35
CA THR B 17 3.97 -9.24 13.07
C THR B 17 2.51 -9.04 12.68
N ASN B 18 1.75 -10.13 12.65
CA ASN B 18 0.34 -10.07 12.28
C ASN B 18 -0.58 -10.55 13.39
N ALA B 19 -0.01 -10.82 14.56
CA ALA B 19 -0.81 -11.30 15.68
C ALA B 19 -0.21 -10.89 17.01
N ILE B 20 -1.05 -10.38 17.88
CA ILE B 20 -0.61 -9.96 19.20
C ILE B 20 -1.48 -10.64 20.24
N THR B 21 -0.85 -11.18 21.28
CA THR B 21 -1.58 -11.84 22.32
C THR B 21 -1.33 -11.09 23.62
N VAL B 22 -2.42 -10.66 24.25
CA VAL B 22 -2.33 -9.93 25.50
C VAL B 22 -2.71 -10.89 26.62
N ASP B 23 -1.77 -11.12 27.53
CA ASP B 23 -2.03 -12.03 28.65
C ASP B 23 -2.99 -11.35 29.62
N LYS B 24 -4.06 -12.05 29.98
CA LYS B 24 -5.08 -11.51 30.88
C LYS B 24 -4.59 -11.08 32.25
N SER B 25 -3.37 -11.47 32.62
CA SER B 25 -2.84 -11.06 33.92
C SER B 25 -2.27 -9.66 33.83
N CYS B 26 -2.13 -9.14 32.61
CA CYS B 26 -1.61 -7.79 32.41
C CYS B 26 -2.68 -6.77 32.81
N LYS B 27 -2.28 -5.70 33.48
CA LYS B 27 -3.23 -4.65 33.87
C LYS B 27 -3.21 -3.54 32.82
N GLN B 28 -2.03 -3.34 32.24
CA GLN B 28 -1.84 -2.34 31.19
C GLN B 28 -1.01 -3.05 30.11
N PHE B 29 -1.10 -2.58 28.86
CA PHE B 29 -0.34 -3.19 27.79
C PHE B 29 0.28 -2.08 26.96
N THR B 30 1.56 -2.23 26.64
CA THR B 30 2.29 -1.22 25.89
C THR B 30 2.76 -1.70 24.51
N VAL B 31 2.55 -0.87 23.51
CA VAL B 31 2.98 -1.17 22.15
C VAL B 31 4.01 -0.11 21.73
N ASN B 32 5.23 -0.56 21.40
CA ASN B 32 6.26 0.37 20.97
C ASN B 32 6.36 0.29 19.45
N LEU B 33 6.07 1.39 18.78
CA LEU B 33 6.13 1.39 17.32
C LEU B 33 7.33 2.19 16.83
N SER B 34 8.05 1.62 15.86
CA SER B 34 9.20 2.31 15.27
C SER B 34 9.12 2.18 13.76
N HIS B 35 9.75 3.11 13.06
CA HIS B 35 9.75 3.12 11.60
C HIS B 35 11.20 3.08 11.12
N PRO B 36 11.74 1.88 10.83
CA PRO B 36 13.12 1.73 10.36
C PRO B 36 13.34 2.00 8.87
N GLY B 37 12.38 2.68 8.23
CA GLY B 37 12.52 2.97 6.82
C GLY B 37 13.20 4.30 6.54
N ASN B 38 13.17 4.73 5.28
CA ASN B 38 13.80 5.97 4.88
C ASN B 38 12.81 6.97 4.30
N LEU B 39 11.57 6.54 4.07
CA LEU B 39 10.56 7.43 3.52
C LEU B 39 9.88 8.28 4.58
N PRO B 40 9.49 9.51 4.23
CA PRO B 40 8.83 10.43 5.15
C PRO B 40 7.39 10.05 5.46
N LYS B 41 6.86 10.64 6.52
CA LYS B 41 5.50 10.40 7.00
C LYS B 41 4.42 10.66 5.95
N CYS B 42 4.60 11.70 5.15
CA CYS B 42 3.61 12.07 4.13
C CYS B 42 3.46 11.04 3.02
N VAL B 43 4.47 10.20 2.85
CA VAL B 43 4.45 9.19 1.81
C VAL B 43 4.35 7.76 2.33
N MET B 44 5.03 7.48 3.45
CA MET B 44 5.02 6.14 4.02
C MET B 44 4.83 6.16 5.54
N GLY B 45 3.90 6.99 6.01
CA GLY B 45 3.66 7.07 7.44
C GLY B 45 2.90 5.87 7.98
N HIS B 46 3.18 5.48 9.23
CA HIS B 46 2.48 4.36 9.84
C HIS B 46 2.05 4.68 11.26
N ASN B 47 0.90 4.16 11.64
CA ASN B 47 0.42 4.28 13.01
C ASN B 47 -0.08 2.89 13.35
N TRP B 48 -0.30 2.65 14.63
CA TRP B 48 -0.81 1.39 15.11
C TRP B 48 -2.12 1.79 15.75
N VAL B 49 -3.22 1.28 15.22
CA VAL B 49 -4.55 1.63 15.70
C VAL B 49 -5.32 0.36 16.06
N LEU B 50 -5.99 0.38 17.22
CA LEU B 50 -6.74 -0.77 17.69
C LEU B 50 -8.24 -0.50 17.78
N SER B 51 -9.03 -1.42 17.24
CA SER B 51 -10.49 -1.33 17.28
C SER B 51 -11.03 -2.76 17.22
N THR B 52 -12.34 -2.92 17.32
CA THR B 52 -12.92 -4.25 17.21
C THR B 52 -12.87 -4.56 15.71
N ALA B 53 -12.95 -5.83 15.35
CA ALA B 53 -12.93 -6.22 13.94
C ALA B 53 -14.06 -5.55 13.18
N ALA B 54 -15.23 -5.46 13.81
CA ALA B 54 -16.41 -4.85 13.18
C ALA B 54 -16.22 -3.36 12.89
N ASP B 55 -15.50 -2.67 13.75
CA ASP B 55 -15.29 -1.24 13.58
C ASP B 55 -14.13 -0.87 12.66
N MET B 56 -13.22 -1.79 12.40
CA MET B 56 -12.06 -1.50 11.56
C MET B 56 -12.33 -0.75 10.27
N GLN B 57 -13.16 -1.32 9.40
CA GLN B 57 -13.45 -0.67 8.13
C GLN B 57 -13.89 0.77 8.29
N GLY B 58 -14.80 1.02 9.23
CA GLY B 58 -15.28 2.37 9.47
C GLY B 58 -14.17 3.31 9.89
N VAL B 59 -13.30 2.83 10.78
CA VAL B 59 -12.20 3.65 11.25
C VAL B 59 -11.24 3.97 10.11
N VAL B 60 -10.94 2.98 9.28
CA VAL B 60 -10.03 3.16 8.15
C VAL B 60 -10.60 4.13 7.12
N THR B 61 -11.89 4.01 6.85
CA THR B 61 -12.54 4.87 5.86
C THR B 61 -12.60 6.33 6.29
N ASP B 62 -13.06 6.59 7.51
CA ASP B 62 -13.14 7.95 8.00
C ASP B 62 -11.74 8.52 8.25
N GLY B 63 -10.80 7.64 8.58
CA GLY B 63 -9.45 8.09 8.82
C GLY B 63 -8.82 8.60 7.54
N MET B 64 -8.95 7.82 6.48
CA MET B 64 -8.41 8.18 5.18
C MET B 64 -8.88 9.57 4.77
N ALA B 65 -10.18 9.83 4.95
CA ALA B 65 -10.78 11.11 4.61
C ALA B 65 -10.37 12.27 5.50
N SER B 66 -9.86 11.96 6.69
CA SER B 66 -9.45 13.01 7.64
C SER B 66 -8.16 13.73 7.30
N GLY B 67 -7.29 13.10 6.53
CA GLY B 67 -6.04 13.75 6.14
C GLY B 67 -4.84 13.61 7.04
N LEU B 68 -3.67 13.94 6.49
CA LEU B 68 -2.40 13.86 7.19
C LEU B 68 -2.31 14.69 8.47
N ASP B 69 -2.91 15.86 8.47
CA ASP B 69 -2.86 16.75 9.63
C ASP B 69 -3.59 16.16 10.84
N LYS B 70 -4.43 15.17 10.61
CA LYS B 70 -5.18 14.53 11.69
C LYS B 70 -4.64 13.12 11.95
N ASP B 71 -3.47 12.84 11.41
CA ASP B 71 -2.85 11.52 11.56
C ASP B 71 -3.74 10.42 10.96
N TYR B 72 -4.56 10.83 10.00
CA TYR B 72 -5.47 9.91 9.32
C TYR B 72 -6.43 9.19 10.26
N LEU B 73 -7.00 9.95 11.17
CA LEU B 73 -7.98 9.43 12.12
C LEU B 73 -9.04 10.51 12.30
N LYS B 74 -10.30 10.13 12.17
CA LYS B 74 -11.38 11.09 12.36
C LYS B 74 -11.28 11.56 13.80
N PRO B 75 -11.37 12.87 14.04
CA PRO B 75 -11.28 13.35 15.43
C PRO B 75 -12.42 12.81 16.29
N ASP B 76 -12.13 12.59 17.56
CA ASP B 76 -13.10 12.07 18.51
C ASP B 76 -13.78 10.78 18.05
N ASP B 77 -13.00 9.86 17.48
CA ASP B 77 -13.54 8.58 17.03
C ASP B 77 -13.58 7.63 18.23
N SER B 78 -14.77 7.37 18.76
CA SER B 78 -14.92 6.51 19.92
C SER B 78 -14.68 5.03 19.62
N ARG B 79 -14.53 4.70 18.34
CA ARG B 79 -14.29 3.32 17.94
C ARG B 79 -12.84 2.91 18.15
N VAL B 80 -11.95 3.89 18.24
CA VAL B 80 -10.53 3.63 18.44
C VAL B 80 -10.26 3.37 19.92
N ILE B 81 -9.87 2.13 20.24
CA ILE B 81 -9.58 1.76 21.62
C ILE B 81 -8.25 2.33 22.08
N ALA B 82 -7.26 2.27 21.19
CA ALA B 82 -5.94 2.80 21.49
C ALA B 82 -5.21 3.07 20.16
N HIS B 83 -4.21 3.94 20.18
CA HIS B 83 -3.47 4.25 18.97
C HIS B 83 -2.23 5.06 19.26
N THR B 84 -1.24 4.94 18.37
CA THR B 84 -0.01 5.70 18.47
C THR B 84 -0.23 6.88 17.54
N LYS B 85 0.78 7.72 17.39
CA LYS B 85 0.70 8.84 16.46
C LYS B 85 1.15 8.26 15.13
N LEU B 86 0.98 9.02 14.06
CA LEU B 86 1.42 8.60 12.74
C LEU B 86 2.90 8.99 12.71
N ILE B 87 3.78 8.02 12.41
CA ILE B 87 5.20 8.33 12.38
C ILE B 87 5.85 8.05 11.02
N GLY B 88 6.97 8.73 10.79
CA GLY B 88 7.69 8.57 9.55
C GLY B 88 9.06 7.97 9.81
N SER B 89 9.89 7.91 8.77
CA SER B 89 11.23 7.36 8.88
C SER B 89 12.01 7.85 10.11
N GLY B 90 12.67 6.92 10.79
CA GLY B 90 13.47 7.24 11.96
C GLY B 90 12.74 7.62 13.24
N GLU B 91 11.41 7.65 13.20
CA GLU B 91 10.64 8.02 14.38
C GLU B 91 10.12 6.81 15.15
N LYS B 92 9.68 7.05 16.38
CA LYS B 92 9.13 6.00 17.22
C LYS B 92 8.07 6.58 18.12
N ASP B 93 7.14 5.75 18.57
CA ASP B 93 6.09 6.19 19.46
C ASP B 93 5.56 4.99 20.22
N SER B 94 5.07 5.22 21.43
CA SER B 94 4.54 4.15 22.25
C SER B 94 3.16 4.50 22.76
N VAL B 95 2.34 3.49 22.94
CA VAL B 95 1.01 3.68 23.48
C VAL B 95 0.78 2.61 24.53
N THR B 96 0.27 3.04 25.68
CA THR B 96 -0.03 2.12 26.78
C THR B 96 -1.51 2.27 27.06
N PHE B 97 -2.24 1.15 27.10
CA PHE B 97 -3.67 1.22 27.37
C PHE B 97 -4.06 0.21 28.43
N ASP B 98 -5.21 0.44 29.08
CA ASP B 98 -5.70 -0.45 30.11
C ASP B 98 -6.32 -1.69 29.50
N VAL B 99 -5.85 -2.85 29.94
CA VAL B 99 -6.35 -4.12 29.44
C VAL B 99 -7.83 -4.32 29.77
N SER B 100 -8.31 -3.64 30.81
CA SER B 100 -9.71 -3.77 31.19
C SER B 100 -10.64 -3.29 30.07
N LYS B 101 -10.08 -2.55 29.11
CA LYS B 101 -10.88 -2.06 28.01
C LYS B 101 -11.17 -3.18 27.02
N LEU B 102 -10.47 -4.30 27.18
CA LEU B 102 -10.64 -5.46 26.31
C LEU B 102 -11.49 -6.51 27.00
N LYS B 103 -12.28 -7.24 26.21
CA LYS B 103 -13.12 -8.29 26.75
C LYS B 103 -12.77 -9.61 26.07
N GLU B 104 -12.82 -10.71 26.82
CA GLU B 104 -12.51 -12.02 26.28
C GLU B 104 -13.57 -12.43 25.27
N GLY B 105 -13.15 -13.16 24.25
CA GLY B 105 -14.09 -13.61 23.23
C GLY B 105 -14.29 -12.62 22.11
N GLU B 106 -14.12 -11.34 22.38
CA GLU B 106 -14.28 -10.31 21.37
C GLU B 106 -13.11 -10.35 20.39
N GLN B 107 -13.37 -10.01 19.14
CA GLN B 107 -12.33 -10.00 18.11
C GLN B 107 -11.79 -8.60 17.88
N TYR B 108 -10.48 -8.44 18.05
CA TYR B 108 -9.84 -7.14 17.87
C TYR B 108 -8.85 -7.15 16.72
N MET B 109 -8.71 -5.99 16.07
CA MET B 109 -7.79 -5.84 14.96
C MET B 109 -6.96 -4.59 15.17
N PHE B 110 -5.68 -4.66 14.79
CA PHE B 110 -4.82 -3.50 14.86
C PHE B 110 -4.46 -3.27 13.40
N PHE B 111 -4.27 -2.01 13.02
CA PHE B 111 -3.98 -1.68 11.63
C PHE B 111 -3.42 -0.28 11.51
N CYS B 112 -2.94 0.03 10.31
CA CYS B 112 -2.42 1.36 10.01
C CYS B 112 -3.51 2.06 9.19
N THR B 113 -3.79 3.33 9.48
CA THR B 113 -4.82 4.03 8.73
C THR B 113 -4.32 4.93 7.59
N PHE B 114 -3.02 4.93 7.31
CA PHE B 114 -2.50 5.73 6.21
C PHE B 114 -3.15 5.12 4.95
N PRO B 115 -3.68 5.97 4.06
CA PRO B 115 -4.34 5.51 2.84
C PRO B 115 -3.77 4.26 2.18
N GLY B 116 -4.61 3.22 2.11
CA GLY B 116 -4.22 1.96 1.49
C GLY B 116 -3.41 0.95 2.28
N HIS B 117 -2.72 1.40 3.32
CA HIS B 117 -1.89 0.50 4.10
C HIS B 117 -2.60 -0.65 4.81
N SER B 118 -3.81 -0.43 5.29
CA SER B 118 -4.54 -1.47 6.02
C SER B 118 -4.75 -2.73 5.18
N ALA B 119 -4.57 -2.61 3.87
CA ALA B 119 -4.71 -3.77 2.99
C ALA B 119 -3.70 -4.83 3.41
N LEU B 120 -2.51 -4.40 3.81
CA LEU B 120 -1.47 -5.32 4.23
C LEU B 120 -1.06 -5.16 5.69
N MET B 121 -1.16 -3.94 6.19
CA MET B 121 -0.78 -3.65 7.57
C MET B 121 -1.94 -3.79 8.52
N LYS B 122 -2.19 -5.04 8.91
CA LYS B 122 -3.28 -5.33 9.83
C LYS B 122 -2.96 -6.64 10.53
N GLY B 123 -3.62 -6.89 11.65
CA GLY B 123 -3.38 -8.12 12.38
C GLY B 123 -4.42 -8.26 13.47
N THR B 124 -4.40 -9.39 14.17
CA THR B 124 -5.37 -9.64 15.22
C THR B 124 -4.72 -9.45 16.58
N LEU B 125 -5.52 -9.07 17.56
CA LEU B 125 -5.03 -8.91 18.91
C LEU B 125 -6.04 -9.68 19.75
N THR B 126 -5.54 -10.60 20.57
CA THR B 126 -6.44 -11.38 21.40
C THR B 126 -6.04 -11.35 22.86
N LEU B 127 -7.05 -11.36 23.71
CA LEU B 127 -6.87 -11.34 25.16
C LEU B 127 -7.02 -12.79 25.65
N LYS B 128 -5.91 -13.45 25.96
CA LYS B 128 -5.98 -14.84 26.42
C LYS B 128 -5.51 -14.99 27.87
CU CU C . -0.10 2.91 -7.25
NI NI D . -6.77 -7.96 -34.11
C1 144 E . -5.76 -5.93 -34.62
N 144 E . -6.92 -5.18 -35.08
C2 144 E . -7.98 -6.15 -35.50
O2 144 E . -8.55 -7.24 -34.93
C3 144 E . -6.42 -4.26 -36.18
O3 144 E . -7.42 -3.37 -36.71
C4 144 E . -7.42 -4.42 -33.90
O4 144 E . -6.58 -3.63 -32.78
CU CU F . 1.15 2.54 7.30
NI NI G . 3.25 -10.45 33.99
C1 144 H . 3.04 -8.22 34.51
N 144 H . 4.40 -7.94 34.95
C2 144 H . 5.04 -9.24 35.35
O2 144 H . 5.17 -10.45 34.76
C3 144 H . 4.28 -6.91 36.07
O3 144 H . 5.54 -6.45 36.58
C4 144 H . 5.12 -7.40 33.76
O4 144 H . 4.62 -6.35 32.66
N OPP I . 1.34 17.51 -0.91
C1 OPP I . 2.06 17.54 -2.09
O1 OPP I . 3.19 18.05 -2.20
C2 OPP I . 1.32 16.90 -3.24
C3 OPP I . -0.02 16.42 -2.57
C4 OPP I . 0.12 16.86 -1.13
O4 OPP I . -0.75 16.66 -0.28
C5 OPP I . 1.82 18.05 0.36
O OPP I . 2.81 17.21 0.94
C5' OPP I . 3.29 17.76 2.19
N' OPP I . 4.32 16.86 2.78
C1' OPP I . 4.61 16.75 4.16
O1' OPP I . 4.04 17.40 5.05
C2' OPP I . 5.71 15.73 4.42
C3' OPP I . 6.08 15.20 2.96
C4' OPP I . 5.17 15.98 2.05
O4' OPP I . 5.16 15.85 0.82
#